data_1OEX
#
_entry.id   1OEX
#
_cell.length_a   42.580
_cell.length_b   74.510
_cell.length_c   42.350
_cell.angle_alpha   90.00
_cell.angle_beta   97.56
_cell.angle_gamma   90.00
#
_symmetry.space_group_name_H-M   'P 1 21 1'
#
loop_
_entity.id
_entity.type
_entity.pdbx_description
1 polymer ENDOTHIAPEPSIN
2 polymer 'INHIBITOR H261'
3 non-polymer GLYCEROL
4 non-polymer 'SULFATE ION'
5 water water
#
loop_
_entity_poly.entity_id
_entity_poly.type
_entity_poly.pdbx_seq_one_letter_code
_entity_poly.pdbx_strand_id
1 'polypeptide(L)'
;STGSATTTPIDSLDDAYITPVQIGTPAQTLNLDFDTGSSDLWVFSSETTASEV(SUI)QTIYTPSKSTTAKLLSGATWSI
SYGDGSSSSGDVYTDTVSVGGLTVTGQAVESAKKVSSSFTEDSTIDGLLGLAFSTLNTVSPTQQKTFFDNAKASLDSPVF
TADLGYHAPGTYNFGFIDTTAYTGSITYTAVSTKQGFWEWTSTGYAVGSGTFKSTSIDGIADTGTTLLYLPATVVSAYWA
QVSGAKSSSSVGGYVFPCSATLPSFTFGVGSARIVIPGDYIDFGPISTGSSSCFGGIQSSAGIGINIFGDVALKAAFVVF
NGATTPTLGFASK
;
A
2 'polypeptide(L)' (BOC)HPFA(LOV)IH B
#
loop_
_chem_comp.id
_chem_comp.type
_chem_comp.name
_chem_comp.formula
BOC non-polymer 'TERT-BUTYL HYDROGEN CARBONATE' 'C5 H10 O3'
GOL non-polymer GLYCEROL 'C3 H8 O3'
LOV peptide-like '5-AMINO-4-HYDROXY-2-ISOPROPYL-7-METHYL-OCTANOIC ACID' 'C12 H25 N O3'
SO4 non-polymer 'SULFATE ION' 'O4 S -2'
#
# COMPACT_ATOMS: atom_id res chain seq x y z
N SER A 1 16.14 -17.65 -4.10
CA SER A 1 15.05 -17.44 -5.06
C SER A 1 14.68 -15.98 -5.10
N THR A 2 13.93 -15.60 -6.13
CA THR A 2 13.39 -14.28 -6.28
C THR A 2 11.98 -14.36 -6.89
N GLY A 3 11.23 -13.28 -6.81
CA GLY A 3 10.01 -13.14 -7.57
C GLY A 3 9.90 -11.73 -8.16
N SER A 4 9.13 -11.60 -9.22
CA SER A 4 8.86 -10.31 -9.84
C SER A 4 7.48 -10.31 -10.45
N ALA A 5 6.65 -9.38 -10.03
CA ALA A 5 5.26 -9.36 -10.46
C ALA A 5 4.89 -7.94 -10.86
N THR A 6 4.06 -7.83 -11.89
CA THR A 6 3.58 -6.56 -12.36
C THR A 6 2.38 -6.10 -11.52
N THR A 7 2.38 -4.83 -11.11
CA THR A 7 1.26 -4.23 -10.38
C THR A 7 0.65 -3.16 -11.23
N THR A 8 -0.68 -3.08 -11.25
CA THR A 8 -1.43 -2.23 -12.15
C THR A 8 -2.45 -1.39 -11.41
N PRO A 9 -2.59 -0.11 -11.73
CA PRO A 9 -3.64 0.68 -11.10
C PRO A 9 -5.03 0.12 -11.44
N ILE A 10 -5.94 0.18 -10.51
CA ILE A 10 -7.26 -0.37 -10.72
C ILE A 10 -8.16 0.55 -11.55
N ASP A 11 -7.77 1.84 -11.64
CA ASP A 11 -8.65 2.80 -12.29
C ASP A 11 -7.80 3.98 -12.76
N SER A 12 -8.40 4.97 -13.41
CA SER A 12 -7.70 6.11 -13.96
C SER A 12 -7.13 7.06 -12.93
N LEU A 13 -7.46 6.88 -11.65
CA LEU A 13 -7.02 7.79 -10.59
C LEU A 13 -5.83 7.25 -9.85
N ASP A 14 -5.35 6.04 -10.12
CA ASP A 14 -4.36 5.35 -9.29
C ASP A 14 -4.89 5.22 -7.86
N ASP A 15 -6.17 4.89 -7.70
CA ASP A 15 -6.75 4.76 -6.37
C ASP A 15 -6.07 3.65 -5.61
N ALA A 16 -5.73 2.56 -6.29
CA ALA A 16 -5.14 1.39 -5.70
C ALA A 16 -4.45 0.59 -6.81
N TYR A 17 -3.62 -0.35 -6.42
CA TYR A 17 -2.87 -1.19 -7.34
C TYR A 17 -3.15 -2.65 -7.01
N ILE A 18 -3.29 -3.44 -8.07
CA ILE A 18 -3.48 -4.88 -7.93
C ILE A 18 -2.32 -5.63 -8.57
N THR A 19 -2.02 -6.78 -7.95
CA THR A 19 -0.91 -7.64 -8.31
C THR A 19 -1.39 -9.07 -8.30
N PRO A 20 -1.14 -9.85 -9.36
CA PRO A 20 -1.64 -11.24 -9.37
C PRO A 20 -0.88 -12.06 -8.34
N VAL A 21 -1.64 -12.99 -7.73
CA VAL A 21 -1.15 -13.91 -6.73
C VAL A 21 -1.72 -15.30 -7.04
N GLN A 22 -0.87 -16.30 -7.10
CA GLN A 22 -1.31 -17.68 -7.34
C GLN A 22 -1.48 -18.40 -6.02
N ILE A 23 -2.66 -18.93 -5.75
CA ILE A 23 -2.97 -19.58 -4.49
C ILE A 23 -3.46 -21.00 -4.75
N GLY A 24 -2.84 -21.97 -4.08
CA GLY A 24 -3.34 -23.31 -4.17
C GLY A 24 -2.75 -24.13 -5.28
N THR A 25 -3.22 -25.39 -5.32
CA THR A 25 -2.80 -26.37 -6.27
C THR A 25 -4.02 -27.07 -6.88
N PRO A 26 -4.29 -26.95 -8.19
CA PRO A 26 -3.61 -26.07 -9.13
C PRO A 26 -3.78 -24.59 -8.78
N ALA A 27 -2.92 -23.75 -9.29
CA ALA A 27 -2.98 -22.33 -8.93
C ALA A 27 -4.29 -21.68 -9.26
N GLN A 28 -4.83 -20.91 -8.35
CA GLN A 28 -5.94 -20.02 -8.53
C GLN A 28 -5.38 -18.57 -8.51
N THR A 29 -5.55 -17.88 -9.63
CA THR A 29 -4.99 -16.53 -9.69
C THR A 29 -6.01 -15.50 -9.27
N LEU A 30 -5.63 -14.76 -8.21
CA LEU A 30 -6.45 -13.66 -7.69
C LEU A 30 -5.61 -12.39 -7.79
N ASN A 31 -6.26 -11.24 -8.00
CA ASN A 31 -5.60 -9.95 -7.99
C ASN A 31 -5.75 -9.30 -6.66
N LEU A 32 -4.62 -9.21 -5.93
CA LEU A 32 -4.66 -8.70 -4.57
C LEU A 32 -4.03 -7.32 -4.48
N ASP A 33 -4.48 -6.56 -3.49
CA ASP A 33 -3.94 -5.26 -3.16
C ASP A 33 -2.81 -5.46 -2.16
N PHE A 34 -1.57 -5.27 -2.62
CA PHE A 34 -0.39 -5.41 -1.74
C PHE A 34 -0.37 -4.23 -0.82
N ASP A 35 -0.43 -4.47 0.47
CA ASP A 35 -0.68 -3.44 1.49
C ASP A 35 0.42 -3.42 2.52
N THR A 36 1.40 -2.49 2.38
CA THR A 36 2.46 -2.43 3.40
C THR A 36 1.95 -1.79 4.70
N GLY A 37 0.69 -1.40 4.78
CA GLY A 37 0.05 -0.93 6.00
C GLY A 37 -0.74 -1.98 6.79
N SER A 38 -0.69 -3.24 6.42
CA SER A 38 -1.33 -4.30 7.22
C SER A 38 -0.59 -5.60 6.94
N SER A 39 -1.05 -6.68 7.61
CA SER A 39 -0.25 -7.89 7.70
C SER A 39 -1.08 -9.16 7.57
N ASP A 40 -2.25 -9.03 6.92
CA ASP A 40 -3.10 -10.19 6.61
C ASP A 40 -3.17 -10.40 5.10
N LEU A 41 -3.07 -11.66 4.71
CA LEU A 41 -3.31 -12.09 3.33
C LEU A 41 -4.73 -12.69 3.44
N TRP A 42 -5.73 -11.97 2.93
CA TRP A 42 -7.11 -12.45 2.98
C TRP A 42 -7.70 -12.34 1.59
N VAL A 43 -8.66 -13.22 1.33
CA VAL A 43 -9.24 -13.32 -0.02
C VAL A 43 -10.74 -13.51 0.03
N PHE A 44 -11.38 -12.97 -1.03
CA PHE A 44 -12.73 -13.44 -1.36
C PHE A 44 -12.68 -14.94 -1.57
N SER A 45 -13.67 -15.68 -1.22
CA SER A 45 -13.63 -17.13 -1.23
C SER A 45 -15.00 -17.72 -1.47
N SER A 46 -14.99 -19.01 -1.75
CA SER A 46 -16.24 -19.79 -1.79
C SER A 46 -17.01 -19.77 -0.48
N GLU A 47 -16.48 -19.43 0.62
CA GLU A 47 -17.03 -19.23 1.95
C GLU A 47 -17.69 -17.88 2.10
N THR A 48 -17.37 -16.93 1.23
CA THR A 48 -17.92 -15.56 1.48
C THR A 48 -19.41 -15.54 1.24
N THR A 49 -20.15 -14.88 2.10
CA THR A 49 -21.59 -14.69 1.96
C THR A 49 -21.92 -14.28 0.54
N ALA A 50 -22.77 -15.01 -0.16
CA ALA A 50 -22.94 -14.79 -1.61
C ALA A 50 -23.38 -13.41 -1.95
N SER A 51 -24.29 -12.81 -1.18
CA SER A 51 -24.77 -11.46 -1.47
C SER A 51 -23.65 -10.42 -1.31
N GLU A 52 -22.53 -10.77 -0.71
CA GLU A 52 -21.40 -9.85 -0.53
C GLU A 52 -20.32 -10.05 -1.55
N VAL A 53 -20.47 -11.00 -2.46
CA VAL A 53 -19.56 -11.24 -3.55
C VAL A 53 -20.15 -10.61 -4.81
N SUI A 54 -19.36 -9.77 -5.46
CA SUI A 54 -19.76 -9.25 -6.73
CB SUI A 54 -19.33 -7.79 -6.91
CG SUI A 54 -18.32 -7.85 -8.06
OD SUI A 54 -17.70 -6.90 -8.50
C1 SUI A 54 -19.04 -9.98 -7.88
O1 SUI A 54 -19.16 -11.16 -8.10
N2 SUI A 54 -18.25 -9.13 -8.53
C2A SUI A 54 -17.47 -9.47 -9.68
C SUI A 54 -16.07 -10.00 -9.39
O SUI A 54 -15.33 -10.28 -10.35
N GLN A 55 -15.73 -10.22 -8.13
CA GLN A 55 -14.39 -10.64 -7.77
C GLN A 55 -14.16 -12.09 -8.16
N THR A 56 -12.91 -12.44 -8.33
CA THR A 56 -12.48 -13.83 -8.43
C THR A 56 -12.27 -14.37 -7.03
N ILE A 57 -12.79 -15.55 -6.76
CA ILE A 57 -12.74 -16.16 -5.44
C ILE A 57 -11.77 -17.33 -5.36
N TYR A 58 -11.23 -17.53 -4.15
CA TYR A 58 -10.44 -18.68 -3.83
C TYR A 58 -11.39 -19.76 -3.33
N THR A 59 -11.25 -20.97 -3.85
CA THR A 59 -12.02 -22.15 -3.38
C THR A 59 -11.09 -23.12 -2.69
N PRO A 60 -11.00 -23.16 -1.37
CA PRO A 60 -10.02 -24.06 -0.74
C PRO A 60 -10.26 -25.52 -1.04
N SER A 61 -11.52 -25.91 -1.19
CA SER A 61 -11.84 -27.32 -1.50
C SER A 61 -11.48 -27.74 -2.91
N LYS A 62 -10.92 -26.85 -3.72
CA LYS A 62 -10.39 -27.21 -5.01
C LYS A 62 -8.84 -27.18 -5.01
N SER A 63 -8.24 -26.94 -3.86
CA SER A 63 -6.80 -26.91 -3.72
C SER A 63 -6.26 -28.09 -2.93
N THR A 64 -5.46 -28.91 -3.57
CA THR A 64 -4.98 -30.11 -2.88
C THR A 64 -4.01 -29.80 -1.75
N THR A 65 -3.42 -28.60 -1.77
CA THR A 65 -2.45 -28.19 -0.76
C THR A 65 -3.09 -27.37 0.36
N ALA A 66 -4.37 -27.07 0.30
CA ALA A 66 -5.00 -26.31 1.39
C ALA A 66 -5.20 -27.16 2.59
N LYS A 67 -4.93 -26.63 3.76
CA LYS A 67 -5.15 -27.24 5.06
C LYS A 67 -5.90 -26.25 5.94
N LEU A 68 -6.97 -26.65 6.59
CA LEU A 68 -7.64 -25.76 7.54
C LEU A 68 -6.76 -25.61 8.78
N LEU A 69 -6.51 -24.36 9.17
CA LEU A 69 -5.85 -24.16 10.47
C LEU A 69 -6.90 -24.23 11.56
N SER A 70 -6.95 -25.36 12.28
CA SER A 70 -8.05 -25.68 13.16
C SER A 70 -8.19 -24.63 14.27
N GLY A 71 -9.37 -24.13 14.51
CA GLY A 71 -9.68 -23.18 15.57
C GLY A 71 -9.31 -21.73 15.28
N ALA A 72 -8.63 -21.47 14.17
CA ALA A 72 -8.16 -20.11 13.88
C ALA A 72 -9.23 -19.27 13.19
N THR A 73 -9.32 -18.01 13.65
CA THR A 73 -10.19 -17.04 13.03
C THR A 73 -9.43 -15.72 12.87
N TRP A 74 -9.99 -14.83 12.07
CA TRP A 74 -9.38 -13.53 11.81
C TRP A 74 -10.47 -12.50 11.67
N SER A 75 -10.12 -11.25 11.88
CA SER A 75 -11.05 -10.12 11.80
C SER A 75 -10.22 -8.84 11.74
N ILE A 76 -10.42 -8.05 10.70
CA ILE A 76 -9.62 -6.87 10.46
C ILE A 76 -10.51 -5.73 10.07
N SER A 77 -10.09 -4.50 10.42
CA SER A 77 -10.69 -3.27 9.93
C SER A 77 -9.54 -2.30 9.61
N TYR A 78 -9.83 -1.37 8.71
CA TYR A 78 -8.84 -0.48 8.11
C TYR A 78 -9.22 0.97 8.34
N GLY A 79 -8.28 1.86 8.08
CA GLY A 79 -8.49 3.27 8.36
C GLY A 79 -9.69 3.84 7.66
N ASP A 80 -10.00 3.39 6.46
CA ASP A 80 -11.12 3.90 5.68
C ASP A 80 -12.43 3.29 6.12
N GLY A 81 -12.42 2.47 7.16
CA GLY A 81 -13.63 1.90 7.71
C GLY A 81 -13.99 0.52 7.17
N SER A 82 -13.30 0.04 6.15
CA SER A 82 -13.62 -1.27 5.60
C SER A 82 -13.18 -2.37 6.53
N SER A 83 -13.75 -3.58 6.35
CA SER A 83 -13.49 -4.70 7.23
C SER A 83 -13.83 -6.05 6.58
N SER A 84 -13.35 -7.10 7.17
CA SER A 84 -13.64 -8.45 6.75
C SER A 84 -13.25 -9.38 7.87
N SER A 85 -13.70 -10.66 7.77
CA SER A 85 -13.39 -11.66 8.79
C SER A 85 -13.63 -13.06 8.24
N GLY A 86 -13.12 -14.06 8.89
CA GLY A 86 -13.35 -15.43 8.50
C GLY A 86 -12.49 -16.44 9.16
N ASP A 87 -12.16 -17.53 8.45
CA ASP A 87 -11.34 -18.63 8.95
C ASP A 87 -10.05 -18.72 8.13
N VAL A 88 -9.21 -19.70 8.42
CA VAL A 88 -7.83 -19.67 7.96
C VAL A 88 -7.42 -21.01 7.39
N TYR A 89 -6.82 -21.01 6.22
CA TYR A 89 -6.15 -22.16 5.62
C TYR A 89 -4.66 -21.85 5.53
N THR A 90 -3.84 -22.87 5.51
CA THR A 90 -2.48 -22.71 4.98
C THR A 90 -2.50 -23.29 3.54
N ASP A 91 -1.77 -22.67 2.64
CA ASP A 91 -1.71 -23.15 1.28
C ASP A 91 -0.44 -22.64 0.64
N THR A 92 -0.18 -23.14 -0.56
CA THR A 92 0.95 -22.67 -1.36
C THR A 92 0.60 -21.38 -2.05
N VAL A 93 1.43 -20.35 -1.91
CA VAL A 93 1.21 -19.03 -2.49
C VAL A 93 2.42 -18.62 -3.29
N SER A 94 2.20 -18.23 -4.54
CA SER A 94 3.31 -17.75 -5.37
C SER A 94 3.02 -16.34 -5.83
N VAL A 95 4.06 -15.51 -5.81
CA VAL A 95 4.02 -14.14 -6.28
C VAL A 95 5.17 -13.96 -7.24
N GLY A 96 4.84 -13.75 -8.52
CA GLY A 96 5.91 -13.43 -9.46
C GLY A 96 6.93 -14.53 -9.62
N GLY A 97 6.52 -15.79 -9.41
CA GLY A 97 7.48 -16.88 -9.50
C GLY A 97 8.07 -17.31 -8.19
N LEU A 98 7.89 -16.55 -7.12
CA LEU A 98 8.43 -16.90 -5.82
C LEU A 98 7.35 -17.68 -5.06
N THR A 99 7.64 -18.91 -4.68
CA THR A 99 6.65 -19.78 -4.03
C THR A 99 6.97 -19.97 -2.57
N VAL A 100 5.92 -19.80 -1.76
CA VAL A 100 5.95 -20.07 -0.34
C VAL A 100 4.97 -21.21 -0.02
N THR A 101 5.46 -22.21 0.71
CA THR A 101 4.50 -23.26 1.13
C THR A 101 4.07 -22.93 2.55
N GLY A 102 2.88 -23.34 2.93
CA GLY A 102 2.43 -23.12 4.28
C GLY A 102 2.05 -21.69 4.61
N GLN A 103 1.74 -20.89 3.57
CA GLN A 103 1.29 -19.54 3.87
C GLN A 103 -0.13 -19.48 4.40
N ALA A 104 -0.36 -18.71 5.45
CA ALA A 104 -1.74 -18.49 5.90
C ALA A 104 -2.51 -17.68 4.87
N VAL A 105 -3.60 -18.26 4.39
CA VAL A 105 -4.55 -17.64 3.48
C VAL A 105 -5.87 -17.53 4.23
N GLU A 106 -6.24 -16.28 4.52
CA GLU A 106 -7.38 -15.99 5.37
C GLU A 106 -8.60 -15.88 4.45
N SER A 107 -9.51 -16.83 4.63
CA SER A 107 -10.68 -16.95 3.77
C SER A 107 -11.82 -16.14 4.36
N ALA A 108 -12.34 -15.18 3.62
CA ALA A 108 -13.40 -14.32 4.12
C ALA A 108 -14.75 -15.06 4.16
N LYS A 109 -15.33 -15.07 5.34
CA LYS A 109 -16.74 -15.43 5.48
C LYS A 109 -17.63 -14.25 5.11
N LYS A 110 -17.15 -13.03 5.38
CA LYS A 110 -17.91 -11.81 5.18
C LYS A 110 -16.91 -10.72 4.80
N VAL A 111 -17.36 -9.77 3.99
CA VAL A 111 -16.58 -8.57 3.62
C VAL A 111 -17.50 -7.37 3.69
N SER A 112 -16.91 -6.21 3.98
CA SER A 112 -17.70 -4.99 4.08
C SER A 112 -18.08 -4.46 2.69
N SER A 113 -18.96 -3.50 2.69
CA SER A 113 -19.56 -3.01 1.45
C SER A 113 -18.53 -2.47 0.49
N SER A 114 -17.53 -1.72 0.98
CA SER A 114 -16.53 -1.15 0.09
C SER A 114 -15.77 -2.24 -0.67
N PHE A 115 -15.47 -3.36 -0.05
CA PHE A 115 -14.85 -4.46 -0.75
C PHE A 115 -15.83 -5.04 -1.78
N THR A 116 -17.06 -5.33 -1.41
CA THR A 116 -18.03 -5.82 -2.38
C THR A 116 -18.09 -4.93 -3.63
N GLU A 117 -18.08 -3.64 -3.40
CA GLU A 117 -18.22 -2.61 -4.43
C GLU A 117 -17.03 -2.47 -5.34
N ASP A 118 -15.89 -3.00 -4.98
CA ASP A 118 -14.72 -2.89 -5.83
C ASP A 118 -14.40 -4.20 -6.54
N SER A 119 -14.89 -4.23 -7.77
CA SER A 119 -14.86 -5.47 -8.54
C SER A 119 -13.46 -5.93 -8.86
N THR A 120 -12.47 -5.06 -8.85
CA THR A 120 -11.10 -5.23 -9.25
C THR A 120 -10.22 -5.87 -8.19
N ILE A 121 -10.61 -5.84 -6.94
CA ILE A 121 -9.75 -6.30 -5.85
C ILE A 121 -10.34 -7.57 -5.25
N ASP A 122 -9.56 -8.65 -5.34
CA ASP A 122 -9.97 -9.96 -4.86
C ASP A 122 -9.52 -10.27 -3.43
N GLY A 123 -8.87 -9.31 -2.80
CA GLY A 123 -8.35 -9.48 -1.44
C GLY A 123 -7.11 -8.66 -1.26
N LEU A 124 -6.46 -8.84 -0.13
CA LEU A 124 -5.28 -8.09 0.27
C LEU A 124 -4.12 -9.01 0.54
N LEU A 125 -2.89 -8.51 0.27
CA LEU A 125 -1.69 -9.23 0.71
C LEU A 125 -0.90 -8.24 1.57
N GLY A 126 -0.93 -8.44 2.87
CA GLY A 126 -0.27 -7.53 3.82
C GLY A 126 1.23 -7.76 3.87
N LEU A 127 1.95 -6.65 3.94
CA LEU A 127 3.39 -6.63 3.93
C LEU A 127 3.99 -5.78 5.05
N ALA A 128 3.20 -5.39 6.05
CA ALA A 128 3.72 -4.83 7.28
C ALA A 128 4.27 -5.97 8.14
N PHE A 129 4.61 -5.68 9.40
CA PHE A 129 5.26 -6.68 10.22
C PHE A 129 4.24 -7.63 10.80
N SER A 130 4.65 -8.88 11.05
CA SER A 130 3.69 -9.93 11.37
C SER A 130 3.00 -9.72 12.69
N THR A 131 3.54 -8.92 13.60
CA THR A 131 2.85 -8.55 14.83
C THR A 131 1.50 -7.89 14.61
N LEU A 132 1.19 -7.38 13.43
CA LEU A 132 -0.12 -6.82 13.16
C LEU A 132 -1.14 -7.85 12.63
N ASN A 133 -0.73 -9.06 12.36
CA ASN A 133 -1.62 -10.05 11.76
C ASN A 133 -2.78 -10.32 12.72
N THR A 134 -3.99 -10.45 12.18
CA THR A 134 -5.17 -10.56 13.05
C THR A 134 -5.59 -11.99 13.33
N VAL A 135 -4.92 -13.01 12.88
CA VAL A 135 -5.30 -14.39 13.19
C VAL A 135 -5.12 -14.65 14.68
N SER A 136 -6.13 -15.33 15.22
CA SER A 136 -6.18 -15.79 16.59
C SER A 136 -6.53 -17.25 16.61
N PRO A 137 -6.01 -18.02 17.57
CA PRO A 137 -5.21 -17.58 18.74
C PRO A 137 -3.76 -17.27 18.44
N THR A 138 -3.15 -17.84 17.44
CA THR A 138 -1.74 -17.61 17.08
C THR A 138 -1.67 -16.82 15.79
N GLN A 139 -1.00 -15.67 15.85
CA GLN A 139 -0.80 -14.86 14.66
C GLN A 139 0.02 -15.60 13.62
N GLN A 140 -0.25 -15.26 12.37
CA GLN A 140 0.39 -15.85 11.22
C GLN A 140 1.35 -14.90 10.55
N LYS A 141 2.40 -15.46 9.93
CA LYS A 141 3.42 -14.68 9.24
C LYS A 141 2.96 -14.20 7.88
N THR A 142 3.47 -13.03 7.49
CA THR A 142 3.23 -12.50 6.17
C THR A 142 3.94 -13.34 5.11
N PHE A 143 3.49 -13.16 3.85
CA PHE A 143 4.17 -13.78 2.72
C PHE A 143 5.64 -13.47 2.72
N PHE A 144 5.98 -12.20 2.97
CA PHE A 144 7.39 -11.78 2.99
C PHE A 144 8.19 -12.49 4.06
N ASP A 145 7.72 -12.55 5.26
CA ASP A 145 8.30 -13.23 6.39
C ASP A 145 8.52 -14.69 6.07
N ASN A 146 7.53 -15.35 5.51
CA ASN A 146 7.75 -16.74 5.11
C ASN A 146 8.74 -16.93 4.00
N ALA A 147 8.84 -15.98 3.08
CA ALA A 147 9.74 -16.07 1.96
C ALA A 147 11.18 -15.85 2.33
N LYS A 148 11.47 -15.17 3.44
CA LYS A 148 12.85 -14.75 3.68
C LYS A 148 13.84 -15.89 3.70
N ALA A 149 13.45 -17.05 4.20
CA ALA A 149 14.40 -18.15 4.28
C ALA A 149 14.93 -18.53 2.90
N SER A 150 14.11 -18.40 1.86
CA SER A 150 14.54 -18.81 0.51
C SER A 150 15.01 -17.64 -0.33
N LEU A 151 14.80 -16.39 0.06
CA LEU A 151 15.13 -15.25 -0.80
C LEU A 151 16.65 -15.01 -0.95
N ASP A 152 17.03 -14.54 -2.12
CA ASP A 152 18.45 -14.20 -2.29
C ASP A 152 18.88 -13.07 -1.41
N SER A 153 18.00 -12.20 -0.93
CA SER A 153 18.24 -11.14 0.02
C SER A 153 16.90 -10.90 0.67
N PRO A 154 16.83 -10.64 1.98
CA PRO A 154 15.53 -10.43 2.65
C PRO A 154 14.99 -9.03 2.41
N VAL A 155 14.60 -8.76 1.19
CA VAL A 155 14.08 -7.47 0.74
C VAL A 155 12.93 -7.63 -0.22
N PHE A 156 12.07 -6.64 -0.28
CA PHE A 156 11.18 -6.47 -1.44
C PHE A 156 11.22 -5.04 -1.84
N THR A 157 10.87 -4.76 -3.09
CA THR A 157 10.85 -3.40 -3.60
C THR A 157 9.51 -3.07 -4.25
N ALA A 158 9.07 -1.83 -4.06
CA ALA A 158 7.87 -1.33 -4.67
C ALA A 158 8.24 -0.28 -5.69
N ASP A 159 7.81 -0.46 -6.92
CA ASP A 159 8.04 0.46 -8.04
C ASP A 159 6.68 0.73 -8.68
N LEU A 160 5.90 1.57 -8.03
CA LEU A 160 4.55 1.85 -8.49
C LEU A 160 4.58 2.85 -9.63
N GLY A 161 3.74 2.61 -10.63
CA GLY A 161 3.60 3.49 -11.77
C GLY A 161 2.66 4.66 -11.61
N TYR A 162 2.95 5.71 -12.35
CA TYR A 162 2.06 6.88 -12.46
C TYR A 162 1.12 6.66 -13.62
N HIS A 163 -0.12 6.29 -13.32
CA HIS A 163 -1.09 5.93 -14.37
C HIS A 163 -0.47 4.93 -15.35
N ALA A 164 0.22 3.94 -14.81
CA ALA A 164 1.02 3.00 -15.59
C ALA A 164 1.33 1.75 -14.80
N PRO A 165 1.60 0.62 -15.42
CA PRO A 165 2.02 -0.56 -14.68
C PRO A 165 3.37 -0.34 -14.01
N GLY A 166 3.67 -1.12 -13.00
CA GLY A 166 4.88 -1.11 -12.23
C GLY A 166 5.19 -2.47 -11.71
N THR A 167 6.06 -2.57 -10.72
CA THR A 167 6.61 -3.87 -10.32
C THR A 167 6.80 -4.01 -8.82
N TYR A 168 6.48 -5.17 -8.28
CA TYR A 168 6.92 -5.60 -6.99
C TYR A 168 7.95 -6.70 -7.20
N ASN A 169 9.17 -6.52 -6.65
CA ASN A 169 10.21 -7.54 -6.66
C ASN A 169 10.51 -8.04 -5.28
N PHE A 170 10.78 -9.33 -5.20
CA PHE A 170 11.13 -9.96 -3.95
C PHE A 170 12.51 -10.58 -4.08
N GLY A 171 13.43 -10.25 -3.18
CA GLY A 171 14.71 -10.95 -3.12
C GLY A 171 15.87 -10.29 -3.87
N PHE A 172 15.64 -9.18 -4.55
CA PHE A 172 16.72 -8.51 -5.28
C PHE A 172 16.33 -7.06 -5.53
N ILE A 173 17.36 -6.27 -5.77
CA ILE A 173 17.25 -4.87 -6.15
C ILE A 173 17.65 -4.72 -7.62
N ASP A 174 16.72 -4.28 -8.45
CA ASP A 174 16.94 -4.01 -9.86
C ASP A 174 17.58 -2.63 -10.01
N THR A 175 18.89 -2.61 -10.24
CA THR A 175 19.64 -1.36 -10.29
C THR A 175 19.29 -0.56 -11.54
N THR A 176 18.61 -1.14 -12.51
CA THR A 176 18.14 -0.37 -13.67
C THR A 176 16.81 0.29 -13.44
N ALA A 177 16.17 0.10 -12.30
CA ALA A 177 14.81 0.62 -12.07
C ALA A 177 14.78 1.97 -11.40
N TYR A 178 15.93 2.54 -11.12
CA TYR A 178 16.02 3.79 -10.42
C TYR A 178 17.25 4.58 -10.86
N THR A 179 17.31 5.85 -10.51
CA THR A 179 18.45 6.70 -10.89
C THR A 179 19.12 7.12 -9.57
N GLY A 180 20.38 7.54 -9.67
CA GLY A 180 21.11 7.90 -8.47
C GLY A 180 21.34 6.68 -7.60
N SER A 181 21.38 6.91 -6.29
CA SER A 181 21.56 5.81 -5.34
C SER A 181 20.39 5.78 -4.37
N ILE A 182 20.23 4.62 -3.72
CA ILE A 182 19.24 4.44 -2.68
C ILE A 182 19.75 5.00 -1.37
N THR A 183 18.97 5.80 -0.67
CA THR A 183 19.30 6.23 0.68
C THR A 183 18.34 5.48 1.63
N TYR A 184 18.98 4.86 2.61
CA TYR A 184 18.26 4.09 3.61
C TYR A 184 18.08 4.89 4.90
N THR A 185 16.99 4.62 5.58
CA THR A 185 16.65 5.33 6.82
C THR A 185 16.08 4.32 7.79
N ALA A 186 16.24 4.59 9.08
CA ALA A 186 15.84 3.66 10.14
C ALA A 186 14.35 3.45 10.18
N VAL A 187 13.97 2.22 10.56
CA VAL A 187 12.56 1.86 10.73
C VAL A 187 12.30 1.52 12.17
N SER A 188 11.21 2.02 12.71
CA SER A 188 10.69 1.57 13.98
C SER A 188 9.56 0.59 13.73
N THR A 189 9.62 -0.58 14.37
CA THR A 189 8.55 -1.56 14.31
C THR A 189 7.69 -1.52 15.55
N LYS A 190 7.79 -0.52 16.41
CA LYS A 190 7.07 -0.50 17.68
C LYS A 190 5.56 -0.52 17.46
N GLN A 191 5.04 -0.01 16.37
CA GLN A 191 3.63 -0.04 16.04
C GLN A 191 3.33 -1.05 14.93
N GLY A 192 4.31 -1.83 14.51
CA GLY A 192 4.12 -2.88 13.51
C GLY A 192 4.19 -2.43 12.07
N PHE A 193 4.51 -1.18 11.83
CA PHE A 193 4.50 -0.59 10.49
C PHE A 193 5.92 -0.34 9.98
N TRP A 194 6.03 -0.09 8.67
CA TRP A 194 7.25 0.48 8.11
C TRP A 194 7.25 1.96 8.44
N GLU A 195 7.55 2.22 9.71
CA GLU A 195 7.50 3.57 10.27
C GLU A 195 8.90 4.17 10.29
N TRP A 196 9.00 5.40 9.84
CA TRP A 196 10.29 6.08 9.66
C TRP A 196 10.06 7.57 9.91
N THR A 197 11.16 8.31 9.93
CA THR A 197 11.09 9.75 10.16
C THR A 197 11.73 10.48 8.99
N SER A 198 10.88 11.14 8.21
CA SER A 198 11.38 12.02 7.17
C SER A 198 12.10 13.22 7.81
N THR A 199 13.14 13.70 7.16
CA THR A 199 13.92 14.81 7.69
C THR A 199 13.34 16.16 7.35
N GLY A 200 12.30 16.27 6.54
CA GLY A 200 11.64 17.55 6.28
C GLY A 200 11.04 17.62 4.87
N TYR A 201 10.76 18.82 4.41
CA TYR A 201 10.04 18.97 3.16
C TYR A 201 10.33 20.31 2.52
N ALA A 202 10.04 20.39 1.24
CA ALA A 202 10.00 21.67 0.52
C ALA A 202 8.80 21.68 -0.42
N VAL A 203 8.29 22.87 -0.65
CA VAL A 203 7.18 23.09 -1.61
C VAL A 203 7.74 23.72 -2.85
N GLY A 204 7.60 23.09 -4.01
CA GLY A 204 8.03 23.65 -5.28
C GLY A 204 9.49 23.96 -5.21
N SER A 205 9.84 25.15 -5.65
CA SER A 205 11.21 25.67 -5.69
C SER A 205 11.61 26.45 -4.45
N GLY A 206 10.86 26.29 -3.36
CA GLY A 206 11.10 26.96 -2.08
C GLY A 206 12.08 26.21 -1.23
N THR A 207 12.19 26.68 0.03
CA THR A 207 13.20 26.18 0.92
C THR A 207 12.78 24.90 1.60
N PHE A 208 13.76 24.01 1.79
CA PHE A 208 13.60 22.80 2.61
C PHE A 208 13.60 23.14 4.10
N LYS A 209 12.55 22.76 4.76
CA LYS A 209 12.35 22.93 6.18
C LYS A 209 12.72 21.65 6.89
N SER A 210 13.70 21.66 7.78
CA SER A 210 14.12 20.53 8.56
C SER A 210 13.13 20.40 9.71
N THR A 211 12.35 19.36 9.65
CA THR A 211 11.32 19.08 10.62
C THR A 211 11.06 17.58 10.55
N SER A 212 11.07 16.95 11.66
CA SER A 212 10.90 15.50 11.76
C SER A 212 9.44 15.19 11.43
N ILE A 213 9.21 14.36 10.41
CA ILE A 213 7.87 13.86 10.15
C ILE A 213 7.86 12.35 10.27
N ASP A 214 7.34 11.86 11.40
CA ASP A 214 7.19 10.45 11.65
C ASP A 214 5.98 9.93 10.88
N GLY A 215 6.20 8.96 10.01
CA GLY A 215 5.06 8.41 9.27
C GLY A 215 5.35 6.99 8.80
N ILE A 216 4.37 6.45 8.06
CA ILE A 216 4.51 5.09 7.60
C ILE A 216 4.51 5.04 6.06
N ALA A 217 5.25 4.08 5.49
CA ALA A 217 5.19 3.82 4.06
C ALA A 217 4.03 2.85 3.82
N ASP A 218 2.97 3.25 3.15
CA ASP A 218 1.73 2.49 3.02
C ASP A 218 1.29 2.43 1.55
N THR A 219 1.66 1.33 0.86
CA THR A 219 1.22 1.12 -0.51
C THR A 219 -0.29 0.97 -0.62
N GLY A 220 -0.99 0.66 0.45
CA GLY A 220 -2.45 0.50 0.47
C GLY A 220 -3.24 1.74 0.74
N THR A 221 -2.59 2.89 0.84
CA THR A 221 -3.24 4.20 0.97
C THR A 221 -2.98 5.00 -0.28
N THR A 222 -3.98 5.65 -0.81
CA THR A 222 -3.85 6.35 -2.09
C THR A 222 -3.01 7.63 -2.01
N LEU A 223 -3.30 8.43 -1.00
CA LEU A 223 -2.83 9.80 -0.93
C LEU A 223 -1.65 9.92 0.06
N LEU A 224 -1.10 11.15 0.04
CA LEU A 224 0.00 11.55 0.98
C LEU A 224 -0.66 12.37 2.07
N TYR A 225 -0.64 11.83 3.29
CA TYR A 225 -1.24 12.47 4.49
C TYR A 225 -0.12 12.94 5.39
N LEU A 226 -0.09 14.25 5.59
CA LEU A 226 1.03 14.92 6.29
C LEU A 226 0.49 15.89 7.31
N PRO A 227 1.35 16.42 8.21
CA PRO A 227 0.84 17.33 9.21
C PRO A 227 0.11 18.53 8.65
N ALA A 228 -0.88 18.99 9.40
CA ALA A 228 -1.71 20.09 8.92
C ALA A 228 -0.93 21.30 8.46
N THR A 229 0.11 21.64 9.19
CA THR A 229 0.89 22.84 8.86
C THR A 229 1.70 22.66 7.58
N VAL A 230 2.15 21.45 7.32
CA VAL A 230 2.91 21.10 6.15
C VAL A 230 2.00 21.17 4.92
N VAL A 231 0.83 20.58 5.07
CA VAL A 231 -0.19 20.59 3.98
C VAL A 231 -0.67 21.99 3.70
N SER A 232 -0.89 22.81 4.71
CA SER A 232 -1.27 24.20 4.49
C SER A 232 -0.18 24.96 3.74
N ALA A 233 1.08 24.71 4.07
CA ALA A 233 2.19 25.34 3.36
C ALA A 233 2.20 24.98 1.89
N TYR A 234 1.86 23.72 1.56
CA TYR A 234 1.81 23.29 0.16
C TYR A 234 0.73 24.07 -0.55
N TRP A 235 -0.52 23.98 -0.05
CA TRP A 235 -1.67 24.51 -0.80
C TRP A 235 -1.66 26.03 -0.79
N ALA A 236 -0.89 26.69 0.10
CA ALA A 236 -0.69 28.13 0.02
C ALA A 236 -0.04 28.53 -1.29
N GLN A 237 0.66 27.64 -1.95
CA GLN A 237 1.32 27.93 -3.21
C GLN A 237 0.45 27.61 -4.44
N VAL A 238 -0.84 27.33 -4.18
CA VAL A 238 -1.78 27.01 -5.28
C VAL A 238 -2.91 28.00 -5.18
N SER A 239 -3.02 28.92 -6.14
CA SER A 239 -3.84 30.10 -5.94
C SER A 239 -5.33 29.84 -5.83
N GLY A 240 -5.82 28.78 -6.47
CA GLY A 240 -7.23 28.43 -6.35
C GLY A 240 -7.56 27.42 -5.26
N ALA A 241 -6.55 26.93 -4.55
CA ALA A 241 -6.82 25.86 -3.59
C ALA A 241 -7.48 26.34 -2.32
N LYS A 242 -8.41 25.54 -1.84
CA LYS A 242 -9.16 25.81 -0.63
C LYS A 242 -9.50 24.50 0.07
N SER A 243 -9.61 24.50 1.39
CA SER A 243 -10.12 23.37 2.11
C SER A 243 -11.63 23.35 2.01
N SER A 244 -12.17 22.20 1.65
CA SER A 244 -13.61 22.01 1.44
C SER A 244 -14.12 21.08 2.52
N SER A 245 -14.96 21.60 3.40
CA SER A 245 -15.52 20.82 4.47
C SER A 245 -16.43 19.76 3.85
N SER A 246 -17.19 20.13 2.82
CA SER A 246 -18.15 19.16 2.29
C SER A 246 -17.43 18.05 1.51
N VAL A 247 -16.41 18.38 0.73
CA VAL A 247 -15.70 17.37 -0.07
C VAL A 247 -14.78 16.54 0.80
N GLY A 248 -14.31 17.10 1.89
CA GLY A 248 -13.44 16.41 2.82
C GLY A 248 -11.96 16.56 2.61
N GLY A 249 -11.53 17.72 2.15
CA GLY A 249 -10.13 17.96 1.93
C GLY A 249 -9.89 19.15 1.03
N TYR A 250 -8.62 19.37 0.71
CA TYR A 250 -8.25 20.44 -0.18
C TYR A 250 -8.68 20.12 -1.62
N VAL A 251 -9.28 21.11 -2.26
CA VAL A 251 -9.70 21.09 -3.66
C VAL A 251 -9.03 22.27 -4.34
N PHE A 252 -8.86 22.17 -5.64
CA PHE A 252 -8.20 23.22 -6.41
C PHE A 252 -8.70 23.17 -7.85
N PRO A 253 -8.46 24.17 -8.64
CA PRO A 253 -8.88 24.12 -10.07
C PRO A 253 -8.09 23.10 -10.86
N CYS A 254 -8.81 22.19 -11.53
CA CYS A 254 -8.13 21.20 -12.35
C CYS A 254 -7.15 21.80 -13.35
N SER A 255 -7.39 23.02 -13.80
CA SER A 255 -6.41 23.54 -14.77
C SER A 255 -5.04 23.99 -14.27
N ALA A 256 -4.89 23.98 -12.97
CA ALA A 256 -3.72 24.57 -12.35
C ALA A 256 -2.50 23.70 -12.58
N THR A 257 -1.37 24.32 -12.75
CA THR A 257 -0.12 23.57 -12.77
C THR A 257 0.36 23.59 -11.32
N LEU A 258 0.50 22.46 -10.71
CA LEU A 258 0.80 22.41 -9.27
C LEU A 258 2.32 22.40 -9.05
N PRO A 259 2.77 22.92 -7.90
CA PRO A 259 4.17 22.77 -7.54
C PRO A 259 4.46 21.34 -7.15
N SER A 260 5.73 20.95 -7.28
CA SER A 260 6.20 19.71 -6.73
C SER A 260 6.18 19.77 -5.21
N PHE A 261 6.37 18.59 -4.62
CA PHE A 261 6.52 18.49 -3.17
C PHE A 261 7.72 17.59 -2.93
N THR A 262 8.70 18.02 -2.17
CA THR A 262 9.89 17.26 -1.88
C THR A 262 9.90 16.81 -0.43
N PHE A 263 10.19 15.53 -0.19
CA PHE A 263 10.37 15.07 1.18
C PHE A 263 11.79 14.56 1.37
N GLY A 264 12.29 14.70 2.60
CA GLY A 264 13.64 14.28 2.91
C GLY A 264 13.75 12.85 3.41
N VAL A 265 14.79 12.16 2.97
CA VAL A 265 15.15 10.83 3.42
C VAL A 265 16.62 10.99 3.81
N GLY A 266 16.86 11.13 5.14
CA GLY A 266 18.23 11.52 5.50
C GLY A 266 18.60 12.82 4.78
N SER A 267 19.81 12.82 4.19
CA SER A 267 20.28 13.92 3.37
C SER A 267 19.71 13.96 1.96
N ALA A 268 19.06 12.88 1.57
CA ALA A 268 18.52 12.75 0.21
C ALA A 268 17.13 13.38 0.14
N ARG A 269 16.68 13.55 -1.08
CA ARG A 269 15.43 14.27 -1.40
C ARG A 269 14.68 13.49 -2.46
N ILE A 270 13.42 13.24 -2.20
CA ILE A 270 12.50 12.66 -3.18
C ILE A 270 11.53 13.72 -3.64
N VAL A 271 11.43 13.95 -4.95
CA VAL A 271 10.58 14.99 -5.51
C VAL A 271 9.32 14.36 -6.11
N ILE A 272 8.18 14.70 -5.55
CA ILE A 272 6.89 14.31 -6.11
C ILE A 272 6.46 15.33 -7.12
N PRO A 273 6.37 15.04 -8.40
CA PRO A 273 5.96 16.04 -9.37
C PRO A 273 4.58 16.60 -9.07
N GLY A 274 4.37 17.88 -9.40
CA GLY A 274 3.08 18.51 -9.25
C GLY A 274 1.95 17.68 -9.87
N ASP A 275 2.22 17.09 -11.03
CA ASP A 275 1.14 16.37 -11.72
C ASP A 275 0.65 15.20 -10.90
N TYR A 276 1.51 14.62 -10.05
CA TYR A 276 1.13 13.48 -9.23
C TYR A 276 0.17 13.88 -8.10
N ILE A 277 0.24 15.17 -7.70
CA ILE A 277 -0.55 15.74 -6.63
C ILE A 277 -1.90 16.20 -7.14
N ASP A 278 -1.99 16.33 -8.45
CA ASP A 278 -3.27 16.56 -9.15
C ASP A 278 -3.96 15.20 -9.20
N PHE A 279 -4.72 14.87 -8.19
CA PHE A 279 -5.26 13.50 -8.01
C PHE A 279 -6.37 13.24 -9.02
N GLY A 280 -7.35 14.08 -9.11
CA GLY A 280 -8.37 14.00 -10.16
C GLY A 280 -9.56 14.84 -9.89
N PRO A 281 -10.46 14.93 -10.85
CA PRO A 281 -11.66 15.76 -10.70
C PRO A 281 -12.63 15.17 -9.71
N ILE A 282 -13.37 16.05 -9.01
CA ILE A 282 -14.26 15.54 -7.96
C ILE A 282 -15.40 14.73 -8.59
N SER A 283 -15.74 14.99 -9.82
CA SER A 283 -16.63 14.15 -10.66
C SER A 283 -16.13 14.30 -12.07
N THR A 284 -16.39 13.41 -12.97
CA THR A 284 -16.04 13.50 -14.35
C THR A 284 -16.58 14.81 -14.93
N GLY A 285 -15.70 15.56 -15.57
CA GLY A 285 -15.97 16.84 -16.15
C GLY A 285 -16.02 18.02 -15.20
N SER A 286 -15.80 17.79 -13.92
CA SER A 286 -15.76 18.88 -12.98
C SER A 286 -14.56 19.76 -13.24
N SER A 287 -14.69 21.05 -12.92
CA SER A 287 -13.60 22.00 -12.92
C SER A 287 -12.78 22.02 -11.65
N SER A 288 -13.16 21.45 -10.59
CA SER A 288 -12.66 21.19 -9.28
C SER A 288 -12.03 19.82 -9.17
N CYS A 289 -10.80 19.80 -8.68
CA CYS A 289 -10.01 18.60 -8.47
C CYS A 289 -9.65 18.41 -6.98
N PHE A 290 -9.52 17.18 -6.58
CA PHE A 290 -9.16 16.82 -5.21
C PHE A 290 -7.64 16.73 -5.15
N GLY A 291 -7.10 17.28 -4.07
CA GLY A 291 -5.66 17.26 -3.87
C GLY A 291 -5.09 15.92 -3.46
N GLY A 292 -3.85 15.65 -3.90
CA GLY A 292 -3.18 14.42 -3.54
C GLY A 292 -2.43 14.42 -2.22
N ILE A 293 -2.32 15.64 -1.67
CA ILE A 293 -1.70 15.86 -0.34
C ILE A 293 -2.79 16.41 0.56
N GLN A 294 -3.02 15.76 1.67
CA GLN A 294 -4.10 16.07 2.58
C GLN A 294 -3.61 15.96 4.01
N SER A 295 -4.31 16.63 4.95
CA SER A 295 -3.92 16.56 6.34
C SER A 295 -4.10 15.18 6.92
N SER A 296 -3.15 14.78 7.75
CA SER A 296 -3.21 13.55 8.50
C SER A 296 -3.93 13.72 9.82
N ALA A 297 -4.48 14.87 10.15
CA ALA A 297 -5.09 15.05 11.47
C ALA A 297 -6.21 14.06 11.76
N GLY A 298 -7.07 13.72 10.83
CA GLY A 298 -8.16 12.80 10.95
C GLY A 298 -7.75 11.36 11.16
N ILE A 299 -6.71 10.91 10.49
CA ILE A 299 -6.20 9.57 10.57
C ILE A 299 -5.36 9.32 11.78
N GLY A 300 -4.62 10.31 12.22
CA GLY A 300 -3.84 10.25 13.43
C GLY A 300 -2.43 9.80 13.29
N ILE A 301 -2.00 9.50 12.08
CA ILE A 301 -0.64 9.13 11.71
C ILE A 301 -0.37 9.72 10.32
N ASN A 302 0.89 10.09 10.10
CA ASN A 302 1.29 10.52 8.77
C ASN A 302 1.48 9.29 7.90
N ILE A 303 1.00 9.39 6.65
CA ILE A 303 1.04 8.24 5.75
C ILE A 303 1.61 8.64 4.41
N PHE A 304 2.76 8.07 4.08
CA PHE A 304 3.35 8.16 2.76
C PHE A 304 2.68 7.07 1.91
N GLY A 305 1.53 7.47 1.34
CA GLY A 305 0.77 6.61 0.46
C GLY A 305 1.24 6.69 -0.95
N ASP A 306 0.42 6.21 -1.88
CA ASP A 306 0.86 6.00 -3.26
C ASP A 306 1.29 7.29 -3.95
N VAL A 307 0.65 8.41 -3.65
CA VAL A 307 1.08 9.68 -4.28
C VAL A 307 2.57 9.92 -4.06
N ALA A 308 3.06 9.63 -2.85
CA ALA A 308 4.49 9.73 -2.56
C ALA A 308 5.28 8.54 -3.10
N LEU A 309 4.84 7.33 -2.83
CA LEU A 309 5.63 6.15 -3.14
C LEU A 309 5.82 5.99 -4.61
N LYS A 310 4.85 6.38 -5.45
CA LYS A 310 5.00 6.14 -6.88
C LYS A 310 6.01 7.10 -7.49
N ALA A 311 6.43 8.13 -6.77
CA ALA A 311 7.53 9.00 -7.21
C ALA A 311 8.89 8.40 -6.94
N ALA A 312 8.98 7.23 -6.33
CA ALA A 312 10.25 6.68 -5.90
C ALA A 312 10.33 5.19 -6.23
N PHE A 313 11.54 4.68 -6.17
CA PHE A 313 11.82 3.27 -6.04
C PHE A 313 12.04 3.00 -4.56
N VAL A 314 11.24 2.11 -3.97
CA VAL A 314 11.20 2.00 -2.51
C VAL A 314 11.61 0.60 -2.11
N VAL A 315 12.60 0.48 -1.24
CA VAL A 315 13.21 -0.74 -0.77
C VAL A 315 12.79 -1.01 0.65
N PHE A 316 12.09 -2.13 0.84
CA PHE A 316 11.62 -2.58 2.13
C PHE A 316 12.61 -3.63 2.54
N ASN A 317 13.60 -3.23 3.37
CA ASN A 317 14.67 -4.12 3.78
C ASN A 317 14.23 -4.81 5.06
N GLY A 318 13.99 -6.11 4.95
CA GLY A 318 13.47 -6.91 6.03
C GLY A 318 14.48 -7.74 6.75
N ALA A 319 15.72 -7.30 6.80
CA ALA A 319 16.72 -7.87 7.70
C ALA A 319 16.18 -7.73 9.12
N THR A 320 16.88 -8.42 10.03
CA THR A 320 16.45 -8.48 11.44
C THR A 320 16.26 -7.09 12.03
N THR A 321 17.17 -6.18 11.66
CA THR A 321 16.89 -4.76 11.91
C THR A 321 16.45 -4.16 10.60
N PRO A 322 15.17 -3.89 10.38
CA PRO A 322 14.71 -3.43 9.07
C PRO A 322 15.08 -1.98 8.82
N THR A 323 15.18 -1.66 7.53
CA THR A 323 15.37 -0.28 7.09
C THR A 323 14.51 -0.03 5.86
N LEU A 324 14.35 1.22 5.50
CA LEU A 324 13.56 1.63 4.34
C LEU A 324 14.42 2.46 3.45
N GLY A 325 14.49 2.10 2.17
CA GLY A 325 15.29 2.85 1.20
C GLY A 325 14.44 3.52 0.16
N PHE A 326 14.86 4.70 -0.25
CA PHE A 326 14.23 5.44 -1.34
C PHE A 326 15.29 5.85 -2.35
N ALA A 327 14.93 5.70 -3.61
CA ALA A 327 15.69 6.28 -4.72
C ALA A 327 14.74 7.02 -5.65
N SER A 328 15.27 8.06 -6.30
CA SER A 328 14.55 8.67 -7.40
C SER A 328 14.49 7.74 -8.60
N LYS A 329 13.56 7.99 -9.50
CA LYS A 329 13.45 7.11 -10.68
C LYS A 329 12.89 7.90 -11.86
O1 BOC B 1 -13.21 9.72 -4.93
C BOC B 1 -12.18 9.41 -5.52
O2 BOC B 1 -11.44 10.29 -6.30
CT BOC B 1 -11.94 11.60 -6.61
C1 BOC B 1 -10.89 12.27 -7.49
C2 BOC B 1 -12.12 12.42 -5.32
C3 BOC B 1 -13.26 11.48 -7.37
N HIS B 2 -11.59 8.21 -5.45
CA HIS B 2 -12.11 7.13 -4.64
C HIS B 2 -11.02 6.58 -3.76
N PRO B 3 -10.46 7.41 -2.90
CA PRO B 3 -9.24 7.01 -2.21
C PRO B 3 -9.49 5.90 -1.22
N PHE B 4 -8.52 5.10 -1.05
CA PHE B 4 -8.30 3.99 -0.13
C PHE B 4 -7.39 4.39 1.04
N ALA B 5 -7.68 3.83 2.17
CA ALA B 5 -6.83 3.94 3.35
C ALA B 5 -6.80 2.55 4.02
CD1 LOV B 6 -6.92 -1.62 0.88
CD2 LOV B 6 -8.23 -0.97 2.95
C1G LOV B 6 -7.04 -0.66 2.06
C1B LOV B 6 -5.76 -0.66 2.88
CA LOV B 6 -5.74 0.36 4.05
CS LOV B 6 -4.48 0.26 4.89
N LOV B 6 -5.94 1.69 3.52
OS LOV B 6 -3.27 0.35 4.12
CT LOV B 6 -4.45 1.37 5.97
C1 LOV B 6 -3.73 1.01 7.25
CB LOV B 6 -3.23 2.29 7.97
CG1 LOV B 6 -4.37 3.21 8.39
CG2 LOV B 6 -2.32 1.90 9.11
C LOV B 6 -4.63 0.19 8.14
O LOV B 6 -5.84 0.46 8.28
N ILE B 7 -4.12 -0.89 8.75
CA ILE B 7 -4.94 -1.57 9.75
C ILE B 7 -5.25 -0.60 10.89
N HIS B 8 -6.51 -0.62 11.32
CA HIS B 8 -7.01 0.21 12.37
C HIS B 8 -7.13 -0.47 13.73
C1 GOL C . -6.65 17.76 -14.21
O1 GOL C . -5.45 17.41 -14.81
C2 GOL C . -7.47 16.55 -13.86
O2 GOL C . -6.82 15.82 -12.83
C3 GOL C . -7.72 15.64 -15.05
O3 GOL C . -8.52 14.54 -14.55
S SO4 D . 22.90 1.85 -4.56
O1 SO4 D . 22.37 2.07 -5.90
O2 SO4 D . 24.31 2.11 -4.59
O3 SO4 D . 22.70 0.47 -4.22
O4 SO4 D . 22.29 2.77 -3.69
S SO4 E . -20.70 -3.09 6.13
O1 SO4 E . -20.32 -2.25 4.96
O2 SO4 E . -19.75 -2.84 7.20
O3 SO4 E . -22.05 -2.75 6.53
O4 SO4 E . -20.60 -4.49 5.77
S SO4 F . -10.29 -16.50 19.76
O1 SO4 F . -10.12 -16.69 21.15
O2 SO4 F . -10.79 -15.15 19.38
O3 SO4 F . -11.52 -17.34 19.49
O4 SO4 F . -9.28 -17.01 18.85
S SO4 G . 19.88 12.66 -3.65
O1 SO4 G . 20.53 11.86 -2.62
O2 SO4 G . 18.72 13.31 -3.15
O3 SO4 G . 19.52 11.69 -4.68
O4 SO4 G . 20.86 13.60 -4.19
#